data_6WE5
#
_entry.id   6WE5
#
_cell.length_a   77.160
_cell.length_b   121.190
_cell.length_c   124.500
_cell.angle_alpha   90.000
_cell.angle_beta   90.000
_cell.angle_gamma   90.000
#
_symmetry.space_group_name_H-M   'C 2 2 21'
#
loop_
_entity.id
_entity.type
_entity.pdbx_description
1 polymer 'Inorganic pyrophosphatase'
2 non-polymer 'SODIUM ION'
3 water water
#
_entity_poly.entity_id   1
_entity_poly.type   'polypeptide(L)'
_entity_poly.pdbx_seq_one_letter_code
;MAHHHHHHMSKTPLSIAHPWHGPVLTRDDYESLCCYIEITPADSVKFELDKETGILKVDRPQKFSNFCPCLYGLLPKTYC
GDLSGEYSGQQSNRENIKGDGDPLDICVLTEKNITQGNILLQARPIGGIRILDSEEADDKIIAVLEDDLVYGNIEDISEC
PGTVLDMIQHYFLTYKATPESLIQAKPAKIEIVGLYGKKEAQKVIRLAHEDYCNLFM
;
_entity_poly.pdbx_strand_id   A,B,C
#
loop_
_chem_comp.id
_chem_comp.type
_chem_comp.name
_chem_comp.formula
NA non-polymer 'SODIUM ION' 'Na 1'
#
# COMPACT_ATOMS: atom_id res chain seq x y z
N LYS A 11 -20.49 15.18 2.93
CA LYS A 11 -19.51 15.94 2.17
C LYS A 11 -18.10 15.66 2.68
N THR A 12 -18.02 15.03 3.86
CA THR A 12 -16.74 14.63 4.43
C THR A 12 -16.58 13.12 4.23
N PRO A 13 -15.68 12.67 3.36
CA PRO A 13 -15.50 11.22 3.17
C PRO A 13 -14.90 10.53 4.39
N LEU A 14 -15.68 9.70 5.07
CA LEU A 14 -15.18 8.99 6.25
C LEU A 14 -14.43 7.71 5.91
N SER A 15 -14.59 7.21 4.69
CA SER A 15 -13.99 5.94 4.27
C SER A 15 -13.27 6.15 2.94
N ILE A 16 -12.29 5.30 2.68
CA ILE A 16 -11.56 5.33 1.41
C ILE A 16 -12.45 4.82 0.29
N ALA A 17 -12.49 5.57 -0.81
CA ALA A 17 -13.33 5.21 -1.94
C ALA A 17 -12.76 4.03 -2.70
N HIS A 18 -13.64 3.19 -3.22
CA HIS A 18 -13.24 2.12 -4.12
C HIS A 18 -12.46 2.69 -5.31
N PRO A 19 -11.24 2.22 -5.57
CA PRO A 19 -10.42 2.85 -6.63
C PRO A 19 -11.03 2.77 -8.01
N TRP A 20 -11.88 1.77 -8.28
CA TRP A 20 -12.49 1.68 -9.60
C TRP A 20 -13.68 2.61 -9.73
N HIS A 21 -14.51 2.72 -8.68
CA HIS A 21 -15.74 3.50 -8.75
C HIS A 21 -15.60 4.92 -8.22
N GLY A 22 -14.58 5.20 -7.40
CA GLY A 22 -14.50 6.45 -6.68
C GLY A 22 -13.97 7.65 -7.46
N PRO A 23 -12.71 7.59 -7.90
CA PRO A 23 -12.06 8.79 -8.46
C PRO A 23 -12.77 9.29 -9.71
N VAL A 24 -12.65 10.59 -9.94
CA VAL A 24 -13.14 11.18 -11.18
C VAL A 24 -12.14 10.89 -12.29
N LEU A 25 -12.64 10.29 -13.38
CA LEU A 25 -11.78 9.88 -14.48
C LEU A 25 -11.08 11.08 -15.10
N THR A 26 -11.82 12.08 -15.54
CA THR A 26 -11.21 13.23 -16.18
C THR A 26 -12.01 14.50 -15.86
N ARG A 27 -11.29 15.63 -15.85
CA ARG A 27 -11.90 16.93 -15.61
C ARG A 27 -11.63 17.89 -16.75
N ASP A 28 -10.91 17.46 -17.78
CA ASP A 28 -10.47 18.29 -18.89
C ASP A 28 -10.70 17.59 -20.22
N ASP A 29 -11.83 16.88 -20.33
CA ASP A 29 -12.25 16.20 -21.55
C ASP A 29 -11.17 15.23 -22.06
N TYR A 30 -10.67 14.41 -21.14
CA TYR A 30 -9.75 13.30 -21.41
C TYR A 30 -8.37 13.76 -21.88
N GLU A 31 -8.00 15.03 -21.64
CA GLU A 31 -6.63 15.45 -21.91
C GLU A 31 -5.67 14.87 -20.90
N SER A 32 -6.08 14.77 -19.63
CA SER A 32 -5.36 14.04 -18.62
C SER A 32 -6.36 13.16 -17.87
N LEU A 33 -5.84 12.08 -17.26
CA LEU A 33 -6.69 11.09 -16.61
C LEU A 33 -6.14 10.78 -15.23
N CYS A 34 -7.05 10.52 -14.29
CA CYS A 34 -6.68 9.93 -13.01
C CYS A 34 -6.62 8.41 -13.18
N CYS A 35 -5.51 7.81 -12.79
CA CYS A 35 -5.25 6.39 -12.99
C CYS A 35 -4.98 5.69 -11.67
N TYR A 36 -5.45 4.45 -11.55
CA TYR A 36 -5.14 3.60 -10.41
C TYR A 36 -4.12 2.55 -10.83
N ILE A 37 -2.96 2.54 -10.16
CA ILE A 37 -1.85 1.68 -10.54
C ILE A 37 -1.91 0.37 -9.76
N GLU A 38 -1.86 -0.75 -10.47
CA GLU A 38 -1.86 -2.07 -9.86
C GLU A 38 -0.49 -2.74 -9.88
N ILE A 39 0.32 -2.50 -10.90
CA ILE A 39 1.56 -3.24 -11.11
C ILE A 39 2.66 -2.24 -11.48
N THR A 40 3.84 -2.42 -10.89
CA THR A 40 5.01 -1.64 -11.24
C THR A 40 6.10 -2.56 -11.77
N PRO A 41 7.13 -2.00 -12.44
CA PRO A 41 8.29 -2.81 -12.86
C PRO A 41 8.93 -3.59 -11.73
N ALA A 42 8.77 -3.13 -10.48
CA ALA A 42 9.38 -3.80 -9.35
C ALA A 42 8.69 -5.11 -8.98
N ASP A 43 7.45 -5.31 -9.43
CA ASP A 43 6.66 -6.47 -8.99
C ASP A 43 7.07 -7.74 -9.72
N SER A 44 7.01 -8.86 -8.99
CA SER A 44 7.23 -10.20 -9.53
C SER A 44 5.95 -11.00 -9.64
N VAL A 45 4.81 -10.45 -9.21
CA VAL A 45 3.51 -11.08 -9.39
C VAL A 45 2.60 -10.08 -10.09
N LYS A 46 1.54 -10.61 -10.70
CA LYS A 46 0.55 -9.77 -11.37
C LYS A 46 -0.51 -9.45 -10.34
N PHE A 47 -0.59 -8.18 -9.97
CA PHE A 47 -1.63 -7.70 -9.08
C PHE A 47 -2.84 -7.25 -9.90
N GLU A 48 -4.01 -7.33 -9.28
CA GLU A 48 -5.22 -6.82 -9.89
C GLU A 48 -6.15 -6.39 -8.78
N LEU A 49 -6.80 -5.24 -8.97
CA LEU A 49 -7.76 -4.74 -8.01
C LEU A 49 -8.92 -5.72 -7.88
N ASP A 50 -9.21 -6.13 -6.66
CA ASP A 50 -10.36 -7.00 -6.41
C ASP A 50 -11.64 -6.18 -6.53
N LYS A 51 -12.46 -6.48 -7.55
CA LYS A 51 -13.65 -5.67 -7.78
C LYS A 51 -14.54 -5.61 -6.55
N GLU A 52 -14.68 -6.74 -5.85
CA GLU A 52 -15.64 -6.83 -4.76
C GLU A 52 -15.24 -5.97 -3.58
N THR A 53 -13.95 -5.97 -3.21
CA THR A 53 -13.49 -5.29 -2.00
C THR A 53 -12.74 -4.00 -2.27
N GLY A 54 -12.22 -3.79 -3.48
CA GLY A 54 -11.38 -2.63 -3.74
C GLY A 54 -9.98 -2.72 -3.15
N ILE A 55 -9.57 -3.90 -2.69
CA ILE A 55 -8.22 -4.13 -2.20
C ILE A 55 -7.40 -4.73 -3.33
N LEU A 56 -6.15 -4.31 -3.44
CA LEU A 56 -5.25 -4.90 -4.41
C LEU A 56 -5.00 -6.36 -4.06
N LYS A 57 -5.06 -7.23 -5.06
CA LYS A 57 -4.99 -8.67 -4.83
C LYS A 57 -4.02 -9.29 -5.83
N VAL A 58 -3.27 -10.29 -5.39
CA VAL A 58 -2.45 -11.08 -6.29
C VAL A 58 -3.38 -11.92 -7.18
N ASP A 59 -3.32 -11.68 -8.48
CA ASP A 59 -4.05 -12.54 -9.40
C ASP A 59 -3.31 -13.85 -9.59
N ARG A 60 -2.03 -13.77 -9.95
CA ARG A 60 -1.18 -14.93 -10.13
C ARG A 60 0.26 -14.46 -10.14
N PRO A 61 1.20 -15.31 -9.74
CA PRO A 61 2.60 -14.95 -9.93
C PRO A 61 2.90 -14.88 -11.42
N GLN A 62 3.92 -14.11 -11.77
CA GLN A 62 4.40 -14.16 -13.14
C GLN A 62 4.79 -15.59 -13.47
N LYS A 63 4.26 -16.10 -14.58
CA LYS A 63 4.48 -17.51 -14.92
C LYS A 63 5.88 -17.72 -15.48
N PHE A 64 6.46 -16.70 -16.13
CA PHE A 64 7.75 -16.91 -16.78
C PHE A 64 8.75 -15.84 -16.38
N SER A 65 9.49 -15.28 -17.34
CA SER A 65 10.62 -14.41 -17.01
C SER A 65 10.34 -12.94 -17.28
N ASN A 66 9.09 -12.50 -17.15
CA ASN A 66 8.72 -11.13 -17.49
C ASN A 66 8.52 -10.28 -16.24
N PHE A 67 8.86 -9.00 -16.37
CA PHE A 67 8.39 -7.94 -15.50
C PHE A 67 7.54 -7.02 -16.34
N CYS A 68 6.58 -6.35 -15.72
CA CYS A 68 5.78 -5.37 -16.42
C CYS A 68 6.62 -4.12 -16.66
N PRO A 69 6.88 -3.73 -17.93
CA PRO A 69 7.92 -2.72 -18.19
C PRO A 69 7.46 -1.28 -18.04
N CYS A 70 6.39 -1.06 -17.28
CA CYS A 70 5.88 0.29 -17.04
C CYS A 70 4.92 0.20 -15.86
N LEU A 71 4.37 1.35 -15.49
CA LEU A 71 3.27 1.38 -14.54
C LEU A 71 2.01 0.91 -15.24
N TYR A 72 1.37 -0.12 -14.69
CA TYR A 72 0.21 -0.75 -15.29
C TYR A 72 -0.94 -0.68 -14.29
N GLY A 73 -2.10 -0.27 -14.78
CA GLY A 73 -3.26 -0.20 -13.91
C GLY A 73 -4.55 -0.05 -14.69
N LEU A 74 -5.53 0.62 -14.09
CA LEU A 74 -6.86 0.72 -14.67
C LEU A 74 -7.30 2.17 -14.66
N LEU A 75 -8.32 2.46 -15.47
CA LEU A 75 -8.94 3.77 -15.49
C LEU A 75 -10.22 3.75 -14.65
N PRO A 76 -10.33 4.58 -13.62
CA PRO A 76 -11.57 4.62 -12.84
C PRO A 76 -12.79 4.92 -13.70
N LYS A 77 -13.91 4.33 -13.30
CA LYS A 77 -15.20 4.54 -13.97
C LYS A 77 -15.16 4.16 -15.44
N THR A 78 -14.40 3.09 -15.76
CA THR A 78 -14.41 2.55 -17.11
C THR A 78 -14.70 1.06 -17.08
N TYR A 79 -15.22 0.55 -18.18
CA TYR A 79 -15.62 -0.84 -18.33
C TYR A 79 -15.48 -1.20 -19.80
N CYS A 80 -14.87 -2.34 -20.09
CA CYS A 80 -14.73 -2.80 -21.47
C CYS A 80 -15.98 -3.59 -21.81
N GLY A 81 -16.98 -2.90 -22.36
CA GLY A 81 -18.28 -3.49 -22.59
C GLY A 81 -18.74 -3.50 -24.03
N ASP A 82 -20.04 -3.35 -24.24
CA ASP A 82 -20.62 -3.48 -25.59
C ASP A 82 -20.02 -2.45 -26.54
N LEU A 83 -20.05 -1.17 -26.15
CA LEU A 83 -19.51 -0.12 -27.00
C LEU A 83 -18.02 -0.31 -27.28
N SER A 84 -17.25 -0.71 -26.27
CA SER A 84 -15.83 -0.96 -26.47
C SER A 84 -15.61 -2.11 -27.45
N GLY A 85 -16.38 -3.19 -27.31
CA GLY A 85 -16.19 -4.33 -28.19
C GLY A 85 -16.54 -4.03 -29.63
N GLU A 86 -17.66 -3.35 -29.85
CA GLU A 86 -18.08 -3.05 -31.22
C GLU A 86 -17.07 -2.13 -31.91
N TYR A 87 -16.56 -1.14 -31.17
CA TYR A 87 -15.58 -0.23 -31.75
C TYR A 87 -14.28 -0.94 -32.08
N SER A 88 -13.79 -1.77 -31.16
CA SER A 88 -12.58 -2.55 -31.42
C SER A 88 -12.75 -3.43 -32.65
N GLY A 89 -13.89 -4.11 -32.76
CA GLY A 89 -14.16 -4.89 -33.95
C GLY A 89 -14.21 -4.04 -35.19
N GLN A 90 -14.88 -2.89 -35.10
CA GLN A 90 -14.94 -1.96 -36.22
C GLN A 90 -13.55 -1.51 -36.63
N GLN A 91 -12.71 -1.15 -35.67
CA GLN A 91 -11.37 -0.65 -35.97
C GLN A 91 -10.44 -1.74 -36.48
N SER A 92 -10.73 -3.01 -36.20
CA SER A 92 -9.90 -4.11 -36.69
C SER A 92 -10.60 -4.91 -37.77
N ASN A 93 -11.79 -4.48 -38.20
CA ASN A 93 -12.59 -5.16 -39.21
C ASN A 93 -12.72 -6.64 -38.91
N ARG A 94 -13.10 -6.95 -37.68
CA ARG A 94 -13.34 -8.32 -37.26
C ARG A 94 -14.68 -8.38 -36.54
N GLU A 95 -15.40 -9.48 -36.72
CA GLU A 95 -16.75 -9.63 -36.21
C GLU A 95 -16.77 -10.34 -34.86
N ASN A 96 -17.88 -10.13 -34.13
CA ASN A 96 -18.16 -10.80 -32.86
C ASN A 96 -17.11 -10.46 -31.80
N ILE A 97 -16.54 -9.26 -31.86
CA ILE A 97 -15.57 -8.81 -30.86
C ILE A 97 -16.33 -8.26 -29.65
N LYS A 98 -16.09 -8.85 -28.49
CA LYS A 98 -16.70 -8.41 -27.25
C LYS A 98 -15.67 -7.72 -26.36
N GLY A 99 -16.17 -6.99 -25.37
CA GLY A 99 -15.30 -6.45 -24.35
C GLY A 99 -14.89 -7.52 -23.35
N ASP A 100 -13.75 -7.29 -22.69
CA ASP A 100 -13.25 -8.31 -21.79
C ASP A 100 -13.85 -8.24 -20.39
N GLY A 101 -14.70 -7.24 -20.11
CA GLY A 101 -15.43 -7.19 -18.87
C GLY A 101 -14.73 -6.51 -17.72
N ASP A 102 -13.50 -6.06 -17.90
CA ASP A 102 -12.69 -5.43 -16.88
C ASP A 102 -12.66 -3.92 -17.09
N PRO A 103 -12.14 -3.16 -16.13
CA PRO A 103 -11.86 -1.74 -16.39
C PRO A 103 -10.81 -1.61 -17.48
N LEU A 104 -10.77 -0.44 -18.10
CA LEU A 104 -9.85 -0.21 -19.20
C LEU A 104 -8.41 -0.15 -18.70
N ASP A 105 -7.53 -0.92 -19.34
CA ASP A 105 -6.12 -0.97 -18.96
C ASP A 105 -5.36 0.25 -19.46
N ILE A 106 -4.39 0.67 -18.66
CA ILE A 106 -3.55 1.81 -19.02
C ILE A 106 -2.10 1.53 -18.61
N CYS A 107 -1.18 1.87 -19.51
CA CYS A 107 0.27 1.83 -19.29
C CYS A 107 0.76 3.27 -19.17
N VAL A 108 1.40 3.58 -18.05
CA VAL A 108 1.89 4.92 -17.78
C VAL A 108 3.41 4.92 -17.90
N LEU A 109 3.93 5.80 -18.75
CA LEU A 109 5.36 5.95 -18.93
C LEU A 109 5.86 6.99 -17.95
N THR A 110 6.92 6.64 -17.22
CA THR A 110 7.56 7.56 -16.32
C THR A 110 9.03 7.19 -16.26
N GLU A 111 9.87 8.22 -16.10
CA GLU A 111 11.29 8.04 -15.88
C GLU A 111 11.60 7.65 -14.44
N LYS A 112 10.69 7.92 -13.51
CA LYS A 112 10.93 7.70 -12.09
C LYS A 112 10.70 6.23 -11.70
N ASN A 113 11.29 5.86 -10.57
CA ASN A 113 11.14 4.53 -10.00
C ASN A 113 9.95 4.55 -9.04
N ILE A 114 8.89 3.83 -9.40
CA ILE A 114 7.75 3.63 -8.50
C ILE A 114 7.71 2.16 -8.14
N THR A 115 7.84 1.85 -6.86
CA THR A 115 7.94 0.45 -6.46
C THR A 115 6.62 -0.15 -5.98
N GLN A 116 5.74 0.65 -5.37
CA GLN A 116 4.48 0.14 -4.87
C GLN A 116 3.33 0.59 -5.75
N GLY A 117 2.39 -0.32 -5.99
CA GLY A 117 1.13 0.03 -6.60
C GLY A 117 0.16 0.53 -5.55
N ASN A 118 -1.13 0.32 -5.80
CA ASN A 118 -2.20 0.80 -4.92
C ASN A 118 -2.09 2.31 -4.73
N ILE A 119 -1.92 3.02 -5.86
CA ILE A 119 -1.79 4.47 -5.84
C ILE A 119 -2.56 5.06 -7.01
N LEU A 120 -2.92 6.32 -6.86
CA LEU A 120 -3.45 7.13 -7.95
C LEU A 120 -2.36 8.02 -8.52
N LEU A 121 -2.56 8.42 -9.77
CA LEU A 121 -1.70 9.40 -10.41
C LEU A 121 -2.44 10.03 -11.58
N GLN A 122 -1.95 11.18 -12.03
CA GLN A 122 -2.47 11.87 -13.19
C GLN A 122 -1.57 11.58 -14.39
N ALA A 123 -2.16 11.17 -15.50
CA ALA A 123 -1.39 10.89 -16.71
C ALA A 123 -2.13 11.43 -17.92
N ARG A 124 -1.39 11.64 -19.00
CA ARG A 124 -1.94 12.16 -20.23
C ARG A 124 -1.88 11.06 -21.30
N PRO A 125 -3.00 10.71 -21.93
CA PRO A 125 -2.95 9.67 -22.96
C PRO A 125 -2.28 10.18 -24.23
N ILE A 126 -1.56 9.29 -24.89
CA ILE A 126 -0.83 9.65 -26.11
C ILE A 126 -1.14 8.64 -27.21
N GLY A 127 -1.81 7.55 -26.87
CA GLY A 127 -2.11 6.50 -27.82
C GLY A 127 -2.55 5.23 -27.08
N GLY A 128 -2.40 4.10 -27.77
CA GLY A 128 -2.77 2.82 -27.20
C GLY A 128 -2.45 1.71 -28.15
N ILE A 129 -2.53 0.48 -27.62
CA ILE A 129 -2.32 -0.74 -28.39
C ILE A 129 -3.67 -1.46 -28.51
N ARG A 130 -4.12 -1.67 -29.74
CA ARG A 130 -5.34 -2.44 -29.95
C ARG A 130 -4.96 -3.92 -29.93
N ILE A 131 -5.45 -4.63 -28.93
CA ILE A 131 -5.15 -6.05 -28.76
C ILE A 131 -6.45 -6.83 -28.76
N LEU A 132 -6.47 -7.94 -29.51
CA LEU A 132 -7.57 -8.88 -29.50
C LEU A 132 -7.07 -10.18 -28.88
N ASP A 133 -7.77 -10.66 -27.86
CA ASP A 133 -7.43 -11.91 -27.20
C ASP A 133 -8.63 -12.83 -27.37
N SER A 134 -8.59 -13.66 -28.42
CA SER A 134 -9.63 -14.62 -28.73
C SER A 134 -11.00 -13.94 -28.78
N GLU A 135 -11.13 -12.99 -29.69
CA GLU A 135 -12.36 -12.26 -29.99
C GLU A 135 -12.76 -11.29 -28.89
N GLU A 136 -11.88 -11.00 -27.93
CA GLU A 136 -12.15 -10.01 -26.90
C GLU A 136 -11.21 -8.82 -27.03
N ALA A 137 -11.78 -7.63 -26.91
CA ALA A 137 -11.00 -6.40 -26.94
C ALA A 137 -10.19 -6.28 -25.66
N ASP A 138 -8.87 -6.21 -25.79
CA ASP A 138 -7.97 -6.01 -24.67
C ASP A 138 -7.05 -4.82 -24.94
N ASP A 139 -7.66 -3.65 -25.14
CA ASP A 139 -6.89 -2.45 -25.42
C ASP A 139 -6.02 -2.09 -24.23
N LYS A 140 -4.82 -1.57 -24.53
CA LYS A 140 -3.93 -0.99 -23.54
C LYS A 140 -3.72 0.47 -23.88
N ILE A 141 -4.24 1.36 -23.04
CA ILE A 141 -3.99 2.79 -23.23
C ILE A 141 -2.56 3.12 -22.84
N ILE A 142 -1.90 3.94 -23.64
CA ILE A 142 -0.55 4.42 -23.34
C ILE A 142 -0.65 5.89 -22.96
N ALA A 143 -0.12 6.22 -21.78
CA ALA A 143 -0.17 7.56 -21.25
C ALA A 143 1.17 7.91 -20.62
N VAL A 144 1.42 9.20 -20.43
CA VAL A 144 2.65 9.68 -19.81
C VAL A 144 2.30 10.31 -18.47
N LEU A 145 3.12 10.02 -17.46
CA LEU A 145 2.91 10.63 -16.15
C LEU A 145 3.00 12.13 -16.26
N GLU A 146 2.03 12.83 -15.66
CA GLU A 146 2.00 14.27 -15.73
C GLU A 146 3.27 14.86 -15.10
N ASP A 147 3.87 15.82 -15.80
CA ASP A 147 5.08 16.50 -15.35
C ASP A 147 6.26 15.55 -15.21
N ASP A 148 6.25 14.41 -15.89
CA ASP A 148 7.43 13.55 -15.88
C ASP A 148 8.58 14.24 -16.60
N LEU A 149 9.79 14.08 -16.07
CA LEU A 149 10.91 14.87 -16.58
C LEU A 149 11.33 14.48 -17.98
N VAL A 150 10.96 13.28 -18.45
CA VAL A 150 11.35 12.78 -19.76
C VAL A 150 10.15 12.68 -20.68
N TYR A 151 9.08 12.03 -20.22
CA TYR A 151 7.89 11.77 -21.03
C TYR A 151 6.82 12.85 -20.88
N GLY A 152 7.01 13.84 -20.02
CA GLY A 152 5.94 14.78 -19.69
C GLY A 152 5.44 15.58 -20.88
N ASN A 153 6.31 15.90 -21.81
CA ASN A 153 5.95 16.73 -22.96
C ASN A 153 5.57 15.91 -24.19
N ILE A 154 5.55 14.58 -24.09
CA ILE A 154 5.15 13.75 -25.21
C ILE A 154 3.64 13.86 -25.39
N GLU A 155 3.20 14.16 -26.62
CA GLU A 155 1.79 14.40 -26.88
C GLU A 155 1.10 13.32 -27.69
N ASP A 156 1.85 12.56 -28.50
CA ASP A 156 1.27 11.51 -29.31
C ASP A 156 2.20 10.31 -29.29
N ILE A 157 1.62 9.13 -29.57
CA ILE A 157 2.39 7.91 -29.56
C ILE A 157 3.47 7.92 -30.63
N SER A 158 3.30 8.72 -31.69
CA SER A 158 4.34 8.80 -32.71
C SER A 158 5.61 9.45 -32.20
N GLU A 159 5.53 10.22 -31.11
CA GLU A 159 6.70 10.82 -30.48
C GLU A 159 7.28 9.96 -29.36
N CYS A 160 6.69 8.80 -29.08
CA CYS A 160 7.23 7.92 -28.07
C CYS A 160 8.33 7.04 -28.66
N PRO A 161 9.44 6.86 -27.96
CA PRO A 161 10.53 6.03 -28.51
C PRO A 161 10.06 4.61 -28.81
N GLY A 162 10.33 4.15 -30.03
CA GLY A 162 9.85 2.85 -30.46
C GLY A 162 10.40 1.71 -29.62
N THR A 163 11.57 1.91 -29.02
CA THR A 163 12.15 0.88 -28.16
C THR A 163 11.28 0.63 -26.94
N VAL A 164 10.69 1.69 -26.39
CA VAL A 164 9.79 1.54 -25.26
C VAL A 164 8.49 0.85 -25.69
N LEU A 165 7.96 1.21 -26.86
CA LEU A 165 6.75 0.54 -27.35
C LEU A 165 6.99 -0.94 -27.62
N ASP A 166 8.15 -1.28 -28.18
CA ASP A 166 8.48 -2.69 -28.41
C ASP A 166 8.59 -3.44 -27.08
N MET A 167 9.17 -2.80 -26.07
CA MET A 167 9.24 -3.42 -24.75
C MET A 167 7.84 -3.75 -24.22
N ILE A 168 6.91 -2.80 -24.39
CA ILE A 168 5.55 -3.01 -23.91
C ILE A 168 4.84 -4.07 -24.75
N GLN A 169 5.00 -4.02 -26.07
CA GLN A 169 4.40 -5.05 -26.92
C GLN A 169 4.99 -6.42 -26.59
N HIS A 170 6.30 -6.48 -26.37
CA HIS A 170 6.95 -7.74 -26.04
C HIS A 170 6.38 -8.34 -24.75
N TYR A 171 6.11 -7.49 -23.75
CA TYR A 171 5.55 -7.97 -22.50
C TYR A 171 4.24 -8.73 -22.72
N PHE A 172 3.29 -8.12 -23.42
CA PHE A 172 1.99 -8.76 -23.60
C PHE A 172 2.07 -9.93 -24.57
N LEU A 173 3.05 -9.92 -25.49
CA LEU A 173 3.22 -11.03 -26.42
C LEU A 173 3.87 -12.25 -25.78
N THR A 174 4.55 -12.10 -24.63
CA THR A 174 5.30 -13.20 -24.08
C THR A 174 4.91 -13.60 -22.66
N TYR A 175 4.26 -12.72 -21.89
CA TYR A 175 4.10 -13.03 -20.47
C TYR A 175 3.17 -14.21 -20.22
N LYS A 176 2.44 -14.68 -21.24
CA LYS A 176 1.62 -15.88 -21.14
C LYS A 176 2.00 -16.94 -22.17
N ALA A 177 3.15 -16.79 -22.83
CA ALA A 177 3.57 -17.72 -23.88
C ALA A 177 4.42 -18.83 -23.28
N THR A 178 3.96 -20.08 -23.41
CA THR A 178 4.73 -21.20 -22.88
C THR A 178 5.97 -21.43 -23.75
N PRO A 179 7.02 -22.01 -23.18
CA PRO A 179 8.19 -22.38 -24.02
C PRO A 179 7.84 -23.31 -25.16
N GLU A 180 7.01 -24.34 -24.91
CA GLU A 180 6.61 -25.27 -25.98
C GLU A 180 5.96 -24.53 -27.13
N SER A 181 5.07 -23.58 -26.83
CA SER A 181 4.41 -22.83 -27.90
C SER A 181 5.40 -21.99 -28.67
N LEU A 182 6.46 -21.52 -28.01
CA LEU A 182 7.49 -20.73 -28.70
C LEU A 182 8.40 -21.62 -29.52
N ILE A 183 8.76 -22.81 -28.99
CA ILE A 183 9.62 -23.73 -29.71
C ILE A 183 8.91 -24.29 -30.94
N GLN A 184 7.62 -24.59 -30.81
CA GLN A 184 6.86 -25.13 -31.95
C GLN A 184 6.32 -24.04 -32.85
N ALA A 185 6.66 -22.77 -32.58
CA ALA A 185 6.25 -21.63 -33.40
C ALA A 185 4.73 -21.62 -33.59
N LYS A 186 4.00 -22.00 -32.55
CA LYS A 186 2.56 -21.90 -32.59
C LYS A 186 2.15 -20.42 -32.65
N PRO A 187 1.10 -20.09 -33.39
CA PRO A 187 0.72 -18.68 -33.53
C PRO A 187 0.43 -18.05 -32.17
N ALA A 188 0.68 -16.75 -32.08
CA ALA A 188 0.52 -16.06 -30.81
C ALA A 188 -0.93 -16.13 -30.34
N LYS A 189 -1.12 -16.26 -29.03
CA LYS A 189 -2.47 -16.36 -28.49
C LYS A 189 -3.15 -15.01 -28.35
N ILE A 190 -2.38 -13.91 -28.36
CA ILE A 190 -2.92 -12.57 -28.35
C ILE A 190 -2.55 -11.92 -29.68
N GLU A 191 -3.44 -11.10 -30.21
CA GLU A 191 -3.24 -10.44 -31.48
C GLU A 191 -3.07 -8.95 -31.24
N ILE A 192 -1.88 -8.43 -31.56
CA ILE A 192 -1.67 -6.98 -31.57
C ILE A 192 -2.08 -6.50 -32.96
N VAL A 193 -3.24 -5.85 -33.03
CA VAL A 193 -3.79 -5.36 -34.31
C VAL A 193 -3.10 -4.09 -34.78
N GLY A 194 -2.34 -3.43 -33.91
CA GLY A 194 -1.61 -2.23 -34.25
C GLY A 194 -1.75 -1.18 -33.17
N LEU A 195 -1.11 -0.05 -33.41
CA LEU A 195 -1.11 1.06 -32.48
C LEU A 195 -1.99 2.19 -33.00
N TYR A 196 -2.44 3.04 -32.08
CA TYR A 196 -3.21 4.21 -32.46
C TYR A 196 -2.75 5.40 -31.64
N GLY A 197 -3.19 6.58 -32.06
CA GLY A 197 -2.73 7.84 -31.52
C GLY A 197 -3.64 8.40 -30.45
N LYS A 198 -3.40 9.68 -30.14
CA LYS A 198 -4.05 10.32 -28.99
C LYS A 198 -5.55 10.39 -29.17
N LYS A 199 -6.01 10.95 -30.28
CA LYS A 199 -7.45 11.13 -30.49
C LYS A 199 -8.19 9.80 -30.41
N GLU A 200 -7.66 8.77 -31.10
CA GLU A 200 -8.30 7.46 -31.04
C GLU A 200 -8.31 6.91 -29.63
N ALA A 201 -7.21 7.08 -28.89
CA ALA A 201 -7.16 6.62 -27.50
C ALA A 201 -8.23 7.31 -26.66
N GLN A 202 -8.39 8.62 -26.80
CA GLN A 202 -9.41 9.33 -26.05
C GLN A 202 -10.80 8.81 -26.35
N LYS A 203 -11.05 8.39 -27.60
CA LYS A 203 -12.34 7.80 -27.94
C LYS A 203 -12.55 6.46 -27.25
N VAL A 204 -11.51 5.62 -27.20
CA VAL A 204 -11.62 4.33 -26.52
C VAL A 204 -11.93 4.53 -25.04
N ILE A 205 -11.28 5.51 -24.41
CA ILE A 205 -11.57 5.81 -23.02
C ILE A 205 -13.01 6.32 -22.89
N ARG A 206 -13.41 7.21 -23.79
CA ARG A 206 -14.77 7.74 -23.79
C ARG A 206 -15.78 6.60 -23.90
N LEU A 207 -15.56 5.70 -24.85
CA LEU A 207 -16.47 4.58 -25.04
C LEU A 207 -16.48 3.68 -23.81
N ALA A 208 -15.29 3.37 -23.27
CA ALA A 208 -15.22 2.55 -22.07
C ALA A 208 -15.87 3.26 -20.88
N HIS A 209 -15.80 4.59 -20.85
CA HIS A 209 -16.49 5.32 -19.79
C HIS A 209 -18.00 5.23 -19.95
N GLU A 210 -18.50 5.30 -21.18
CA GLU A 210 -19.93 5.16 -21.41
C GLU A 210 -20.42 3.75 -21.06
N ASP A 211 -19.64 2.73 -21.41
CA ASP A 211 -19.95 1.37 -20.98
C ASP A 211 -20.13 1.29 -19.47
N TYR A 212 -19.25 1.96 -18.72
CA TYR A 212 -19.35 1.95 -17.26
C TYR A 212 -20.61 2.65 -16.79
N CYS A 213 -20.88 3.84 -17.32
CA CYS A 213 -22.03 4.62 -16.85
C CYS A 213 -23.35 3.91 -17.13
N ASN A 214 -23.47 3.29 -18.30
CA ASN A 214 -24.71 2.58 -18.61
C ASN A 214 -24.88 1.34 -17.75
N LEU A 215 -23.79 0.72 -17.31
CA LEU A 215 -23.89 -0.49 -16.51
C LEU A 215 -24.16 -0.18 -15.05
N PHE A 216 -23.78 1.00 -14.58
CA PHE A 216 -24.01 1.39 -13.19
C PHE A 216 -24.90 2.61 -13.12
N LYS B 11 -20.45 -4.28 16.55
CA LYS B 11 -19.63 -3.16 16.09
C LYS B 11 -18.58 -3.65 15.13
N THR B 12 -18.75 -3.32 13.85
CA THR B 12 -17.88 -3.86 12.82
C THR B 12 -17.58 -2.80 11.76
N PRO B 13 -16.36 -2.23 11.72
CA PRO B 13 -16.02 -1.29 10.65
C PRO B 13 -15.98 -2.03 9.33
N LEU B 14 -16.94 -1.78 8.44
CA LEU B 14 -17.00 -2.54 7.20
C LEU B 14 -16.05 -2.00 6.14
N SER B 15 -15.58 -0.78 6.29
CA SER B 15 -14.76 -0.15 5.26
C SER B 15 -13.50 0.42 5.89
N ILE B 16 -12.45 0.52 5.07
CA ILE B 16 -11.21 1.14 5.52
C ILE B 16 -11.46 2.62 5.74
N ALA B 17 -11.00 3.14 6.89
CA ALA B 17 -11.24 4.53 7.21
C ALA B 17 -10.34 5.45 6.39
N HIS B 18 -10.88 6.60 6.02
CA HIS B 18 -10.11 7.66 5.41
C HIS B 18 -8.94 8.02 6.32
N PRO B 19 -7.69 7.99 5.84
CA PRO B 19 -6.56 8.23 6.75
C PRO B 19 -6.57 9.60 7.41
N TRP B 20 -7.14 10.61 6.77
CA TRP B 20 -7.16 11.94 7.38
C TRP B 20 -8.28 12.08 8.41
N HIS B 21 -9.47 11.57 8.10
CA HIS B 21 -10.61 11.77 8.99
C HIS B 21 -10.86 10.63 9.96
N GLY B 22 -10.37 9.43 9.66
CA GLY B 22 -10.74 8.25 10.41
C GLY B 22 -10.00 8.04 11.72
N PRO B 23 -8.68 7.82 11.64
CA PRO B 23 -7.95 7.43 12.86
C PRO B 23 -8.02 8.48 13.95
N VAL B 24 -7.86 8.02 15.19
CA VAL B 24 -7.77 8.90 16.35
C VAL B 24 -6.38 9.51 16.41
N LEU B 25 -6.33 10.84 16.52
CA LEU B 25 -5.05 11.57 16.54
C LEU B 25 -4.19 11.15 17.72
N THR B 26 -4.73 11.25 18.94
CA THR B 26 -3.94 10.95 20.12
C THR B 26 -4.85 10.39 21.21
N ARG B 27 -4.25 9.58 22.09
CA ARG B 27 -4.94 9.01 23.23
C ARG B 27 -4.27 9.33 24.55
N ASP B 28 -3.16 10.08 24.53
CA ASP B 28 -2.41 10.38 25.74
C ASP B 28 -2.05 11.85 25.80
N ASP B 29 -2.98 12.71 25.35
CA ASP B 29 -2.80 14.16 25.36
C ASP B 29 -1.52 14.58 24.63
N TYR B 30 -1.38 14.06 23.41
CA TYR B 30 -0.33 14.44 22.46
C TYR B 30 1.06 14.02 22.90
N GLU B 31 1.18 13.06 23.82
CA GLU B 31 2.50 12.50 24.10
C GLU B 31 2.94 11.60 22.96
N SER B 32 2.01 10.86 22.38
CA SER B 32 2.24 10.10 21.16
C SER B 32 1.11 10.38 20.18
N LEU B 33 1.40 10.18 18.89
CA LEU B 33 0.48 10.51 17.82
C LEU B 33 0.37 9.38 16.83
N CYS B 34 -0.83 9.19 16.29
CA CYS B 34 -1.03 8.34 15.12
C CYS B 34 -0.72 9.16 13.86
N CYS B 35 0.16 8.64 13.01
CA CYS B 35 0.62 9.35 11.83
C CYS B 35 0.34 8.52 10.58
N TYR B 36 -0.07 9.19 9.50
CA TYR B 36 -0.23 8.56 8.20
C TYR B 36 0.92 8.96 7.29
N ILE B 37 1.70 7.99 6.84
CA ILE B 37 2.92 8.26 6.09
C ILE B 37 2.64 8.27 4.60
N GLU B 38 3.03 9.35 3.94
CA GLU B 38 2.85 9.49 2.50
C GLU B 38 4.13 9.27 1.71
N ILE B 39 5.28 9.62 2.27
CA ILE B 39 6.56 9.60 1.55
C ILE B 39 7.60 8.99 2.48
N THR B 40 8.42 8.11 1.93
CA THR B 40 9.57 7.54 2.63
C THR B 40 10.84 7.88 1.87
N PRO B 41 12.02 7.74 2.49
CA PRO B 41 13.27 7.98 1.76
C PRO B 41 13.41 7.19 0.47
N ALA B 42 12.76 6.03 0.35
CA ALA B 42 12.90 5.21 -0.85
C ALA B 42 12.17 5.78 -2.05
N ASP B 43 11.25 6.72 -1.86
CA ASP B 43 10.42 7.23 -2.93
C ASP B 43 11.20 8.20 -3.82
N SER B 44 10.88 8.17 -5.11
CA SER B 44 11.41 9.11 -6.10
C SER B 44 10.38 10.12 -6.58
N VAL B 45 9.14 10.02 -6.12
CA VAL B 45 8.11 11.00 -6.43
C VAL B 45 7.52 11.47 -5.12
N LYS B 46 6.86 12.62 -5.17
CA LYS B 46 6.17 13.19 -4.01
C LYS B 46 4.74 12.68 -4.02
N PHE B 47 4.39 11.89 -3.02
CA PHE B 47 3.04 11.41 -2.80
C PHE B 47 2.28 12.36 -1.90
N GLU B 48 0.96 12.33 -2.04
CA GLU B 48 0.07 13.11 -1.19
C GLU B 48 -1.24 12.38 -1.08
N LEU B 49 -1.80 12.32 0.13
CA LEU B 49 -3.13 11.75 0.32
C LEU B 49 -4.16 12.56 -0.45
N ASP B 50 -4.89 11.91 -1.34
CA ASP B 50 -5.96 12.57 -2.07
C ASP B 50 -7.15 12.78 -1.14
N LYS B 51 -7.47 14.04 -0.84
CA LYS B 51 -8.49 14.36 0.16
C LYS B 51 -9.85 13.77 -0.19
N GLU B 52 -10.21 13.78 -1.48
CA GLU B 52 -11.55 13.36 -1.87
C GLU B 52 -11.75 11.86 -1.72
N THR B 53 -10.77 11.07 -2.14
CA THR B 53 -10.91 9.61 -2.14
C THR B 53 -10.19 8.94 -0.98
N GLY B 54 -9.23 9.61 -0.37
CA GLY B 54 -8.46 8.98 0.69
C GLY B 54 -7.48 7.96 0.19
N ILE B 55 -7.24 7.90 -1.11
CA ILE B 55 -6.24 7.03 -1.71
C ILE B 55 -4.98 7.83 -1.86
N LEU B 56 -3.83 7.19 -1.60
CA LEU B 56 -2.56 7.86 -1.85
C LEU B 56 -2.40 8.14 -3.33
N LYS B 57 -1.93 9.35 -3.65
CA LYS B 57 -1.86 9.83 -5.03
C LYS B 57 -0.52 10.49 -5.30
N VAL B 58 0.01 10.29 -6.50
CA VAL B 58 1.22 10.99 -6.92
C VAL B 58 0.89 12.46 -7.13
N ASP B 59 1.52 13.33 -6.33
CA ASP B 59 1.38 14.75 -6.59
C ASP B 59 2.25 15.19 -7.78
N ARG B 60 3.54 14.89 -7.71
CA ARG B 60 4.45 15.17 -8.81
C ARG B 60 5.76 14.43 -8.56
N PRO B 61 6.52 14.11 -9.60
CA PRO B 61 7.85 13.54 -9.36
C PRO B 61 8.77 14.54 -8.69
N GLN B 62 9.76 14.01 -7.98
CA GLN B 62 10.84 14.87 -7.49
C GLN B 62 11.44 15.63 -8.67
N LYS B 63 11.56 16.94 -8.51
CA LYS B 63 11.99 17.78 -9.60
C LYS B 63 13.50 17.70 -9.83
N PHE B 64 14.27 17.50 -8.77
CA PHE B 64 15.73 17.56 -8.88
C PHE B 64 16.39 16.33 -8.24
N SER B 65 17.42 16.53 -7.41
CA SER B 65 18.24 15.42 -6.94
C SER B 65 17.96 15.07 -5.48
N ASN B 66 16.74 15.27 -5.01
CA ASN B 66 16.43 15.07 -3.60
C ASN B 66 15.65 13.79 -3.38
N PHE B 67 15.89 13.18 -2.21
CA PHE B 67 14.98 12.22 -1.61
C PHE B 67 14.49 12.83 -0.30
N CYS B 68 13.30 12.41 0.11
CA CYS B 68 12.77 12.88 1.39
C CYS B 68 13.51 12.18 2.52
N PRO B 69 14.20 12.92 3.40
CA PRO B 69 15.15 12.28 4.32
C PRO B 69 14.55 11.69 5.58
N CYS B 70 13.25 11.40 5.59
CA CYS B 70 12.59 10.81 6.75
C CYS B 70 11.23 10.27 6.30
N LEU B 71 10.51 9.68 7.23
CA LEU B 71 9.11 9.32 7.00
C LEU B 71 8.29 10.59 7.09
N TYR B 72 7.57 10.90 6.01
CA TYR B 72 6.83 12.16 5.91
C TYR B 72 5.36 11.88 5.66
N GLY B 73 4.51 12.55 6.41
CA GLY B 73 3.08 12.38 6.23
C GLY B 73 2.28 13.46 6.90
N LEU B 74 1.09 13.10 7.35
CA LEU B 74 0.15 14.02 7.93
C LEU B 74 -0.35 13.47 9.26
N LEU B 75 -0.89 14.37 10.08
CA LEU B 75 -1.52 14.01 11.34
C LEU B 75 -3.02 13.95 11.13
N PRO B 76 -3.65 12.80 11.36
CA PRO B 76 -5.10 12.70 11.24
C PRO B 76 -5.82 13.74 12.10
N LYS B 77 -6.98 14.17 11.61
CA LYS B 77 -7.87 15.08 12.34
C LYS B 77 -7.17 16.38 12.71
N THR B 78 -6.27 16.84 11.84
CA THR B 78 -5.64 18.14 12.00
C THR B 78 -5.89 18.95 10.73
N TYR B 79 -5.80 20.28 10.90
CA TYR B 79 -6.05 21.22 9.81
C TYR B 79 -5.28 22.48 10.13
N CYS B 80 -4.40 22.90 9.21
CA CYS B 80 -3.61 24.11 9.41
CA CYS B 80 -3.60 24.11 9.40
C CYS B 80 -4.49 25.31 9.06
N GLY B 81 -5.30 25.72 10.03
CA GLY B 81 -6.22 26.81 9.79
C GLY B 81 -5.91 28.10 10.51
N ASP B 82 -6.97 28.84 10.86
CA ASP B 82 -6.80 30.17 11.43
C ASP B 82 -6.04 30.12 12.75
N LEU B 83 -6.47 29.25 13.67
CA LEU B 83 -5.79 29.14 14.95
C LEU B 83 -4.33 28.74 14.76
N SER B 84 -4.05 27.83 13.82
CA SER B 84 -2.66 27.47 13.54
C SER B 84 -1.87 28.67 13.03
N GLY B 85 -2.47 29.47 12.14
CA GLY B 85 -1.76 30.61 11.61
C GLY B 85 -1.46 31.67 12.65
N GLU B 86 -2.44 31.95 13.52
CA GLU B 86 -2.27 32.99 14.54
C GLU B 86 -1.15 32.63 15.52
N TYR B 87 -1.07 31.36 15.94
CA TYR B 87 0.01 30.96 16.83
C TYR B 87 1.35 31.04 16.12
N SER B 88 1.40 30.59 14.86
CA SER B 88 2.62 30.71 14.07
C SER B 88 3.05 32.17 13.95
N GLY B 89 2.09 33.07 13.70
CA GLY B 89 2.42 34.49 13.63
C GLY B 89 2.93 35.04 14.95
N GLN B 90 2.26 34.69 16.05
CA GLN B 90 2.69 35.14 17.37
C GLN B 90 4.11 34.68 17.69
N GLN B 91 4.40 33.39 17.43
CA GLN B 91 5.69 32.82 17.77
C GLN B 91 6.82 33.30 16.87
N SER B 92 6.52 33.85 15.70
CA SER B 92 7.53 34.33 14.77
C SER B 92 7.58 35.85 14.67
N ASN B 93 6.80 36.55 15.50
CA ASN B 93 6.74 38.02 15.50
C ASN B 93 6.51 38.57 14.09
N ARG B 94 5.57 37.95 13.38
CA ARG B 94 5.16 38.39 12.06
C ARG B 94 3.64 38.39 12.03
N GLU B 95 3.05 39.37 11.35
CA GLU B 95 1.61 39.55 11.34
C GLU B 95 0.96 38.92 10.11
N ASN B 96 -0.35 38.68 10.24
CA ASN B 96 -1.20 38.21 9.15
C ASN B 96 -0.80 36.83 8.63
N ILE B 97 -0.29 35.95 9.51
CA ILE B 97 0.05 34.59 9.08
C ILE B 97 -1.21 33.75 9.09
N LYS B 98 -1.54 33.16 7.94
CA LYS B 98 -2.69 32.28 7.81
C LYS B 98 -2.23 30.82 7.69
N GLY B 99 -3.16 29.90 7.89
CA GLY B 99 -2.87 28.48 7.68
C GLY B 99 -2.85 28.09 6.21
N ASP B 100 -2.12 27.03 5.90
CA ASP B 100 -1.94 26.63 4.51
C ASP B 100 -3.06 25.74 3.98
N GLY B 101 -4.03 25.35 4.81
CA GLY B 101 -5.21 24.64 4.36
C GLY B 101 -5.11 23.14 4.28
N ASP B 102 -3.94 22.57 4.54
CA ASP B 102 -3.72 21.13 4.49
C ASP B 102 -3.64 20.56 5.90
N PRO B 103 -3.60 19.24 6.05
CA PRO B 103 -3.31 18.67 7.37
C PRO B 103 -1.92 19.05 7.83
N LEU B 104 -1.71 18.96 9.14
CA LEU B 104 -0.42 19.31 9.72
C LEU B 104 0.62 18.26 9.33
N ASP B 105 1.73 18.72 8.77
CA ASP B 105 2.81 17.85 8.32
C ASP B 105 3.64 17.35 9.49
N ILE B 106 4.14 16.12 9.37
CA ILE B 106 4.99 15.53 10.39
C ILE B 106 6.14 14.76 9.74
N CYS B 107 7.33 14.92 10.31
CA CYS B 107 8.52 14.15 9.93
C CYS B 107 8.82 13.17 11.05
N VAL B 108 8.85 11.88 10.72
CA VAL B 108 9.11 10.83 11.71
C VAL B 108 10.53 10.30 11.50
N LEU B 109 11.31 10.32 12.56
CA LEU B 109 12.69 9.81 12.54
C LEU B 109 12.70 8.35 12.98
N THR B 110 13.38 7.51 12.18
CA THR B 110 13.54 6.11 12.53
C THR B 110 14.87 5.60 11.95
N GLU B 111 15.48 4.67 12.67
CA GLU B 111 16.66 3.97 12.19
C GLU B 111 16.32 2.89 11.18
N LYS B 112 15.09 2.39 11.18
CA LYS B 112 14.69 1.29 10.30
C LYS B 112 14.39 1.78 8.88
N ASN B 113 14.47 0.85 7.94
CA ASN B 113 14.08 1.11 6.55
C ASN B 113 12.63 0.74 6.35
N ILE B 114 11.80 1.74 6.07
CA ILE B 114 10.42 1.56 5.63
C ILE B 114 10.35 2.06 4.20
N THR B 115 10.01 1.17 3.27
CA THR B 115 10.04 1.55 1.87
C THR B 115 8.69 1.99 1.33
N GLN B 116 7.59 1.50 1.91
CA GLN B 116 6.26 1.80 1.41
C GLN B 116 5.58 2.84 2.31
N GLY B 117 4.91 3.79 1.68
CA GLY B 117 4.02 4.69 2.38
C GLY B 117 2.64 4.07 2.53
N ASN B 118 1.62 4.91 2.64
CA ASN B 118 0.25 4.46 2.85
C ASN B 118 0.14 3.55 4.08
N ILE B 119 0.73 4.00 5.20
CA ILE B 119 0.70 3.26 6.46
C ILE B 119 0.49 4.22 7.61
N LEU B 120 0.03 3.67 8.72
CA LEU B 120 -0.06 4.36 10.00
C LEU B 120 1.12 3.95 10.88
N LEU B 121 1.46 4.82 11.83
CA LEU B 121 2.45 4.47 12.85
C LEU B 121 2.26 5.41 14.03
N GLN B 122 2.79 5.01 15.17
CA GLN B 122 2.78 5.81 16.39
C GLN B 122 4.14 6.50 16.54
N ALA B 123 4.11 7.80 16.79
CA ALA B 123 5.33 8.58 16.94
C ALA B 123 5.18 9.55 18.10
N ARG B 124 6.31 9.85 18.74
CA ARG B 124 6.33 10.80 19.85
CA ARG B 124 6.32 10.79 19.86
C ARG B 124 6.95 12.10 19.39
N PRO B 125 6.24 13.22 19.46
CA PRO B 125 6.81 14.50 19.01
C PRO B 125 7.88 15.01 19.96
N ILE B 126 8.89 15.67 19.38
CA ILE B 126 10.01 16.21 20.15
C ILE B 126 10.21 17.68 19.81
N GLY B 127 9.52 18.15 18.79
CA GLY B 127 9.68 19.53 18.36
C GLY B 127 9.14 19.71 16.95
N GLY B 128 9.64 20.73 16.29
CA GLY B 128 9.20 20.99 14.92
C GLY B 128 9.96 22.15 14.31
N ILE B 129 9.77 22.30 13.01
CA ILE B 129 10.35 23.39 12.24
C ILE B 129 9.23 24.35 11.86
N ARG B 130 9.35 25.59 12.31
CA ARG B 130 8.40 26.62 11.91
C ARG B 130 8.84 27.19 10.56
N ILE B 131 8.01 26.99 9.55
CA ILE B 131 8.31 27.47 8.20
C ILE B 131 7.17 28.37 7.74
N LEU B 132 7.53 29.51 7.17
CA LEU B 132 6.59 30.44 6.56
C LEU B 132 6.83 30.46 5.05
N ASP B 133 5.77 30.22 4.27
CA ASP B 133 5.86 30.23 2.82
C ASP B 133 4.89 31.31 2.33
N SER B 134 5.42 32.52 2.14
CA SER B 134 4.66 33.67 1.67
C SER B 134 3.38 33.85 2.50
N GLU B 135 3.59 34.07 3.80
CA GLU B 135 2.57 34.35 4.80
C GLU B 135 1.70 33.15 5.17
N GLU B 136 2.10 31.93 4.80
CA GLU B 136 1.37 30.73 5.19
C GLU B 136 2.23 29.87 6.11
N ALA B 137 1.63 29.38 7.18
CA ALA B 137 2.34 28.51 8.10
C ALA B 137 2.51 27.14 7.47
N ASP B 138 3.76 26.72 7.30
CA ASP B 138 4.04 25.38 6.79
C ASP B 138 4.93 24.68 7.79
N ASP B 139 4.45 24.58 9.03
CA ASP B 139 5.21 23.93 10.08
C ASP B 139 5.42 22.46 9.78
N LYS B 140 6.56 21.93 10.21
CA LYS B 140 6.86 20.51 10.12
C LYS B 140 7.08 20.00 11.54
N ILE B 141 6.18 19.14 12.01
CA ILE B 141 6.38 18.49 13.29
C ILE B 141 7.51 17.47 13.15
N ILE B 142 8.39 17.42 14.15
CA ILE B 142 9.46 16.44 14.20
C ILE B 142 9.11 15.44 15.29
N ALA B 143 9.05 14.17 14.94
CA ALA B 143 8.72 13.14 15.91
C ALA B 143 9.62 11.94 15.68
N VAL B 144 9.69 11.08 16.69
CA VAL B 144 10.50 9.88 16.63
C VAL B 144 9.56 8.68 16.65
N LEU B 145 9.86 7.68 15.83
CA LEU B 145 9.07 6.46 15.82
C LEU B 145 9.11 5.82 17.20
N GLU B 146 7.94 5.44 17.72
CA GLU B 146 7.87 4.83 19.03
C GLU B 146 8.66 3.52 19.05
N ASP B 147 9.45 3.33 20.11
CA ASP B 147 10.27 2.14 20.31
C ASP B 147 11.35 2.00 19.24
N ASP B 148 11.69 3.08 18.55
CA ASP B 148 12.80 3.00 17.60
C ASP B 148 14.09 2.74 18.35
N LEU B 149 14.95 1.90 17.77
CA LEU B 149 16.14 1.45 18.50
C LEU B 149 17.14 2.58 18.71
N VAL B 150 17.06 3.66 17.93
CA VAL B 150 18.02 4.75 18.01
C VAL B 150 17.39 6.03 18.56
N TYR B 151 16.28 6.46 17.96
CA TYR B 151 15.64 7.72 18.33
C TYR B 151 14.55 7.56 19.38
N GLY B 152 14.28 6.32 19.82
CA GLY B 152 13.11 6.07 20.65
C GLY B 152 13.08 6.84 21.95
N ASN B 153 14.25 7.08 22.55
CA ASN B 153 14.30 7.72 23.86
C ASN B 153 14.48 9.23 23.78
N ILE B 154 14.54 9.80 22.58
CA ILE B 154 14.66 11.24 22.46
C ILE B 154 13.35 11.91 22.84
N GLU B 155 13.45 12.91 23.73
CA GLU B 155 12.30 13.59 24.34
C GLU B 155 12.12 15.00 23.82
N ASP B 156 13.19 15.64 23.35
CA ASP B 156 13.14 17.00 22.84
C ASP B 156 14.06 17.11 21.63
N ILE B 157 13.79 18.11 20.79
CA ILE B 157 14.58 18.31 19.57
C ILE B 157 16.02 18.66 19.88
N SER B 158 16.30 19.21 21.06
CA SER B 158 17.67 19.52 21.44
C SER B 158 18.52 18.27 21.63
N GLU B 159 17.92 17.11 21.85
CA GLU B 159 18.65 15.86 21.94
C GLU B 159 18.78 15.13 20.61
N CYS B 160 18.19 15.67 19.55
CA CYS B 160 18.27 15.07 18.22
C CYS B 160 19.54 15.52 17.51
N PRO B 161 20.26 14.60 16.87
CA PRO B 161 21.52 14.98 16.21
C PRO B 161 21.27 16.05 15.15
N GLY B 162 22.05 17.13 15.24
CA GLY B 162 21.88 18.25 14.33
C GLY B 162 22.09 17.88 12.88
N THR B 163 22.86 16.83 12.61
CA THR B 163 23.06 16.37 11.25
C THR B 163 21.75 15.92 10.63
N VAL B 164 20.89 15.28 11.43
CA VAL B 164 19.59 14.85 10.95
C VAL B 164 18.70 16.07 10.69
N LEU B 165 18.75 17.05 11.58
CA LEU B 165 17.96 18.26 11.38
C LEU B 165 18.44 19.03 10.18
N ASP B 166 19.76 19.11 9.98
CA ASP B 166 20.30 19.78 8.79
C ASP B 166 19.84 19.08 7.54
N MET B 167 19.83 17.74 7.57
CA MET B 167 19.35 16.95 6.46
C MET B 167 17.90 17.29 6.11
N ILE B 168 17.06 17.44 7.13
CA ILE B 168 15.64 17.73 6.89
C ILE B 168 15.47 19.17 6.39
N GLN B 169 16.17 20.12 7.02
CA GLN B 169 16.10 21.51 6.56
C GLN B 169 16.63 21.65 5.14
N HIS B 170 17.73 20.95 4.83
CA HIS B 170 18.29 20.99 3.49
C HIS B 170 17.27 20.54 2.46
N TYR B 171 16.47 19.52 2.79
CA TYR B 171 15.46 19.02 1.88
C TYR B 171 14.47 20.11 1.48
N PHE B 172 13.86 20.78 2.46
CA PHE B 172 12.85 21.77 2.13
C PHE B 172 13.44 23.02 1.50
N LEU B 173 14.72 23.30 1.75
CA LEU B 173 15.39 24.44 1.15
C LEU B 173 15.80 24.18 -0.30
N THR B 174 15.89 22.93 -0.73
CA THR B 174 16.44 22.61 -2.04
C THR B 174 15.53 21.83 -2.97
N TYR B 175 14.48 21.18 -2.47
CA TYR B 175 13.76 20.26 -3.34
C TYR B 175 12.96 20.98 -4.42
N LYS B 176 12.81 22.30 -4.32
CA LYS B 176 12.16 23.09 -5.37
C LYS B 176 13.08 24.18 -5.91
N ALA B 177 14.36 24.16 -5.55
CA ALA B 177 15.29 25.21 -5.94
C ALA B 177 15.93 24.87 -7.27
N THR B 178 15.67 25.69 -8.28
CA THR B 178 16.23 25.48 -9.61
C THR B 178 17.72 25.76 -9.61
N PRO B 179 18.48 25.16 -10.53
CA PRO B 179 19.90 25.52 -10.64
C PRO B 179 20.13 27.00 -10.82
N GLU B 180 19.33 27.64 -11.68
CA GLU B 180 19.49 29.07 -11.93
C GLU B 180 19.35 29.87 -10.63
N SER B 181 18.35 29.54 -9.80
CA SER B 181 18.16 30.29 -8.56
C SER B 181 19.34 30.10 -7.61
N LEU B 182 19.96 28.93 -7.60
CA LEU B 182 21.11 28.67 -6.74
C LEU B 182 22.38 29.30 -7.29
N ILE B 183 22.57 29.25 -8.61
CA ILE B 183 23.76 29.87 -9.20
C ILE B 183 23.71 31.37 -9.02
N GLN B 184 22.53 31.97 -9.17
CA GLN B 184 22.37 33.40 -8.99
C GLN B 184 22.15 33.79 -7.54
N ALA B 185 22.17 32.80 -6.63
CA ALA B 185 22.02 33.04 -5.20
C ALA B 185 20.78 33.88 -4.89
N LYS B 186 19.70 33.63 -5.61
CA LYS B 186 18.44 34.31 -5.32
C LYS B 186 17.93 33.86 -3.95
N PRO B 187 17.33 34.77 -3.18
CA PRO B 187 16.89 34.41 -1.82
C PRO B 187 15.87 33.28 -1.84
N ALA B 188 15.90 32.48 -0.77
CA ALA B 188 15.07 31.29 -0.66
C ALA B 188 13.58 31.63 -0.70
N LYS B 189 12.80 30.73 -1.32
CA LYS B 189 11.37 30.95 -1.45
C LYS B 189 10.59 30.55 -0.20
N ILE B 190 11.17 29.75 0.67
CA ILE B 190 10.57 29.40 1.95
C ILE B 190 11.42 29.97 3.07
N GLU B 191 10.76 30.35 4.16
CA GLU B 191 11.42 30.97 5.30
C GLU B 191 11.44 29.97 6.45
N ILE B 192 12.64 29.53 6.83
CA ILE B 192 12.82 28.71 8.03
C ILE B 192 13.01 29.66 9.19
N VAL B 193 11.95 29.81 10.01
CA VAL B 193 11.98 30.74 11.15
C VAL B 193 12.71 30.17 12.36
N GLY B 194 12.95 28.86 12.40
CA GLY B 194 13.65 28.24 13.50
C GLY B 194 12.96 26.98 13.95
N LEU B 195 13.52 26.40 15.02
CA LEU B 195 13.04 25.17 15.62
C LEU B 195 12.37 25.47 16.96
N TYR B 196 11.51 24.54 17.39
CA TYR B 196 10.91 24.61 18.71
C TYR B 196 10.88 23.22 19.32
N GLY B 197 10.58 23.17 20.62
CA GLY B 197 10.68 21.95 21.40
C GLY B 197 9.38 21.19 21.54
N LYS B 198 9.38 20.24 22.48
CA LYS B 198 8.28 19.28 22.60
C LYS B 198 6.98 19.97 22.99
N LYS B 199 7.00 20.75 24.07
CA LYS B 199 5.79 21.40 24.55
C LYS B 199 5.17 22.28 23.47
N GLU B 200 5.98 23.10 22.81
CA GLU B 200 5.46 23.97 21.76
C GLU B 200 4.86 23.17 20.61
N ALA B 201 5.53 22.10 20.20
CA ALA B 201 4.99 21.27 19.12
C ALA B 201 3.62 20.73 19.50
N GLN B 202 3.49 20.26 20.75
CA GLN B 202 2.19 19.78 21.21
C GLN B 202 1.14 20.86 21.13
N LYS B 203 1.52 22.12 21.37
CA LYS B 203 0.58 23.22 21.22
C LYS B 203 0.18 23.41 19.76
N VAL B 204 1.15 23.34 18.84
CA VAL B 204 0.85 23.47 17.42
C VAL B 204 -0.08 22.36 16.97
N ILE B 205 0.15 21.14 17.45
CA ILE B 205 -0.73 20.03 17.12
C ILE B 205 -2.11 20.24 17.74
N ARG B 206 -2.14 20.66 19.01
CA ARG B 206 -3.42 20.91 19.67
C ARG B 206 -4.24 21.92 18.89
N LEU B 207 -3.63 23.04 18.49
CA LEU B 207 -4.33 24.06 17.73
C LEU B 207 -4.79 23.54 16.37
N ALA B 208 -3.93 22.80 15.68
CA ALA B 208 -4.32 22.23 14.39
C ALA B 208 -5.45 21.22 14.55
N HIS B 209 -5.49 20.50 15.67
CA HIS B 209 -6.61 19.61 15.94
C HIS B 209 -7.88 20.41 16.20
N GLU B 210 -7.76 21.54 16.90
CA GLU B 210 -8.92 22.39 17.14
C GLU B 210 -9.42 23.01 15.85
N ASP B 211 -8.51 23.48 14.98
CA ASP B 211 -8.92 23.97 13.66
C ASP B 211 -9.73 22.93 12.91
N TYR B 212 -9.28 21.68 12.92
CA TYR B 212 -10.00 20.63 12.23
C TYR B 212 -11.38 20.40 12.82
N CYS B 213 -11.46 20.34 14.16
CA CYS B 213 -12.74 20.11 14.82
C CYS B 213 -13.72 21.25 14.55
N ASN B 214 -13.23 22.49 14.58
CA ASN B 214 -14.06 23.66 14.30
C ASN B 214 -14.51 23.69 12.84
N LEU B 215 -13.76 23.05 11.95
CA LEU B 215 -14.12 23.06 10.54
C LEU B 215 -15.23 22.07 10.24
N PHE B 216 -15.39 21.03 11.06
CA PHE B 216 -16.44 20.05 10.85
C PHE B 216 -17.40 20.00 12.05
N THR C 12 -23.07 -2.18 -6.00
CA THR C 12 -21.87 -1.42 -6.34
C THR C 12 -21.14 -0.95 -5.08
N PRO C 13 -20.00 -1.58 -4.78
CA PRO C 13 -19.19 -1.16 -3.61
C PRO C 13 -18.60 0.22 -3.79
N LEU C 14 -19.02 1.17 -2.95
CA LEU C 14 -18.51 2.53 -3.03
C LEU C 14 -17.20 2.74 -2.25
N SER C 15 -16.86 1.87 -1.30
CA SER C 15 -15.67 2.05 -0.47
C SER C 15 -14.87 0.77 -0.41
N ILE C 16 -13.57 0.91 -0.13
CA ILE C 16 -12.69 -0.24 0.03
C ILE C 16 -13.06 -0.96 1.32
N ALA C 17 -13.26 -2.27 1.23
CA ALA C 17 -13.69 -3.02 2.40
C ALA C 17 -12.52 -3.23 3.36
N HIS C 18 -12.82 -3.20 4.65
CA HIS C 18 -11.90 -3.56 5.70
C HIS C 18 -11.33 -4.95 5.43
N PRO C 19 -9.99 -5.10 5.35
CA PRO C 19 -9.42 -6.40 4.97
C PRO C 19 -9.80 -7.55 5.89
N TRP C 20 -10.12 -7.27 7.14
CA TRP C 20 -10.51 -8.32 8.08
C TRP C 20 -11.98 -8.71 7.90
N HIS C 21 -12.87 -7.74 7.70
CA HIS C 21 -14.29 -8.05 7.64
C HIS C 21 -14.83 -8.21 6.23
N GLY C 22 -14.14 -7.68 5.23
CA GLY C 22 -14.65 -7.57 3.89
C GLY C 22 -14.59 -8.82 3.03
N PRO C 23 -13.38 -9.32 2.79
CA PRO C 23 -13.20 -10.42 1.83
C PRO C 23 -13.94 -11.69 2.25
N VAL C 24 -14.28 -12.49 1.24
CA VAL C 24 -14.81 -13.83 1.49
C VAL C 24 -13.66 -14.75 1.84
N LEU C 25 -13.77 -15.43 2.98
CA LEU C 25 -12.67 -16.27 3.46
C LEU C 25 -12.38 -17.40 2.48
N THR C 26 -13.39 -18.22 2.17
CA THR C 26 -13.21 -19.33 1.27
C THR C 26 -14.48 -19.54 0.44
N ARG C 27 -14.29 -20.08 -0.75
CA ARG C 27 -15.38 -20.44 -1.65
C ARG C 27 -15.36 -21.90 -2.05
N ASP C 28 -14.42 -22.69 -1.53
CA ASP C 28 -14.29 -24.10 -1.91
C ASP C 28 -14.11 -24.96 -0.67
N ASP C 29 -14.79 -24.59 0.42
CA ASP C 29 -14.76 -25.32 1.69
C ASP C 29 -13.34 -25.45 2.22
N TYR C 30 -12.64 -24.31 2.25
CA TYR C 30 -11.31 -24.15 2.84
C TYR C 30 -10.22 -24.89 2.09
N GLU C 31 -10.47 -25.26 0.84
CA GLU C 31 -9.38 -25.78 0.01
C GLU C 31 -8.42 -24.65 -0.37
N SER C 32 -8.95 -23.46 -0.64
CA SER C 32 -8.14 -22.28 -0.83
C SER C 32 -8.71 -21.14 0.00
N LEU C 33 -7.86 -20.19 0.35
CA LEU C 33 -8.23 -19.09 1.21
C LEU C 33 -7.75 -17.76 0.63
N CYS C 34 -8.57 -16.73 0.85
CA CYS C 34 -8.15 -15.36 0.67
C CYS C 34 -7.43 -14.89 1.93
N CYS C 35 -6.21 -14.37 1.77
CA CYS C 35 -5.38 -13.98 2.90
C CYS C 35 -5.00 -12.51 2.77
N TYR C 36 -4.92 -11.82 3.90
CA TYR C 36 -4.44 -10.44 3.93
C TYR C 36 -3.01 -10.40 4.49
N ILE C 37 -2.07 -9.94 3.68
CA ILE C 37 -0.64 -9.98 4.05
C ILE C 37 -0.27 -8.69 4.77
N GLU C 38 0.32 -8.83 5.95
CA GLU C 38 0.77 -7.67 6.72
C GLU C 38 2.26 -7.45 6.68
N ILE C 39 3.06 -8.51 6.58
CA ILE C 39 4.52 -8.45 6.70
C ILE C 39 5.15 -9.33 5.63
N THR C 40 6.21 -8.84 4.99
CA THR C 40 6.99 -9.63 4.04
C THR C 40 8.43 -9.78 4.51
N PRO C 41 9.22 -10.68 3.91
CA PRO C 41 10.66 -10.77 4.26
C PRO C 41 11.41 -9.46 4.12
N ALA C 42 10.95 -8.55 3.25
CA ALA C 42 11.66 -7.30 3.03
C ALA C 42 11.51 -6.32 4.18
N ASP C 43 10.53 -6.52 5.07
CA ASP C 43 10.23 -5.55 6.10
C ASP C 43 11.23 -5.61 7.25
N SER C 44 11.53 -4.44 7.81
CA SER C 44 12.36 -4.32 9.00
C SER C 44 11.56 -3.95 10.23
N VAL C 45 10.25 -3.75 10.08
CA VAL C 45 9.35 -3.51 11.20
C VAL C 45 8.22 -4.52 11.09
N LYS C 46 7.54 -4.72 12.21
CA LYS C 46 6.37 -5.59 12.28
C LYS C 46 5.12 -4.75 12.02
N PHE C 47 4.44 -5.01 10.91
CA PHE C 47 3.17 -4.38 10.61
C PHE C 47 2.02 -5.22 11.15
N GLU C 48 0.90 -4.56 11.43
CA GLU C 48 -0.32 -5.24 11.84
C GLU C 48 -1.49 -4.40 11.38
N LEU C 49 -2.51 -5.06 10.83
CA LEU C 49 -3.72 -4.36 10.42
C LEU C 49 -4.35 -3.67 11.60
N ASP C 50 -4.58 -2.36 11.48
CA ASP C 50 -5.22 -1.61 12.55
C ASP C 50 -6.72 -1.97 12.58
N LYS C 51 -7.15 -2.62 13.66
CA LYS C 51 -8.53 -3.11 13.73
C LYS C 51 -9.52 -1.97 13.56
N GLU C 52 -9.25 -0.83 14.18
CA GLU C 52 -10.22 0.26 14.19
C GLU C 52 -10.38 0.88 12.81
N THR C 53 -9.28 1.09 12.09
CA THR C 53 -9.36 1.80 10.83
C THR C 53 -9.25 0.89 9.62
N GLY C 54 -8.69 -0.31 9.79
CA GLY C 54 -8.45 -1.12 8.62
C GLY C 54 -7.28 -0.67 7.76
N ILE C 55 -6.44 0.23 8.26
CA ILE C 55 -5.20 0.64 7.59
C ILE C 55 -4.04 -0.15 8.18
N LEU C 56 -3.10 -0.55 7.33
CA LEU C 56 -1.90 -1.21 7.83
C LEU C 56 -1.11 -0.23 8.70
N LYS C 57 -0.62 -0.72 9.84
CA LYS C 57 0.01 0.11 10.85
C LYS C 57 1.29 -0.53 11.36
N VAL C 58 2.29 0.30 11.64
CA VAL C 58 3.50 -0.19 12.28
C VAL C 58 3.16 -0.57 13.71
N ASP C 59 3.34 -1.86 14.05
CA ASP C 59 3.23 -2.27 15.44
C ASP C 59 4.48 -1.93 16.24
N ARG C 60 5.63 -2.39 15.77
CA ARG C 60 6.91 -2.12 16.43
C ARG C 60 8.02 -2.44 15.44
N PRO C 61 9.18 -1.79 15.56
CA PRO C 61 10.33 -2.21 14.76
C PRO C 61 10.81 -3.58 15.21
N GLN C 62 11.45 -4.31 14.31
CA GLN C 62 12.10 -5.56 14.71
C GLN C 62 13.10 -5.26 15.82
N LYS C 63 12.99 -5.99 16.93
CA LYS C 63 13.85 -5.68 18.06
C LYS C 63 15.27 -6.16 17.86
N PHE C 64 15.46 -7.24 17.11
CA PHE C 64 16.80 -7.82 17.01
C PHE C 64 17.18 -8.06 15.56
N SER C 65 17.72 -9.25 15.23
CA SER C 65 18.33 -9.47 13.93
C SER C 65 17.48 -10.35 13.01
N ASN C 66 16.16 -10.26 13.14
CA ASN C 66 15.25 -11.13 12.39
C ASN C 66 14.56 -10.39 11.25
N PHE C 67 14.31 -11.12 10.18
CA PHE C 67 13.32 -10.79 9.17
C PHE C 67 12.26 -11.88 9.21
N CYS C 68 11.04 -11.52 8.85
CA CYS C 68 9.97 -12.50 8.78
C CYS C 68 10.18 -13.40 7.57
N PRO C 69 10.37 -14.72 7.76
CA PRO C 69 10.87 -15.55 6.66
C PRO C 69 9.80 -16.05 5.69
N CYS C 70 8.66 -15.39 5.65
CA CYS C 70 7.60 -15.77 4.72
C CYS C 70 6.66 -14.58 4.61
N LEU C 71 5.64 -14.73 3.76
CA LEU C 71 4.54 -13.77 3.78
C LEU C 71 3.69 -14.06 4.99
N TYR C 72 3.52 -13.08 5.85
CA TYR C 72 2.81 -13.23 7.12
C TYR C 72 1.63 -12.27 7.15
N GLY C 73 0.48 -12.78 7.55
CA GLY C 73 -0.68 -11.96 7.66
C GLY C 73 -1.81 -12.60 8.44
N LEU C 74 -3.04 -12.25 8.08
CA LEU C 74 -4.21 -12.73 8.76
C LEU C 74 -5.19 -13.26 7.73
N LEU C 75 -6.14 -14.09 8.22
CA LEU C 75 -7.23 -14.61 7.43
C LEU C 75 -8.48 -13.79 7.67
N PRO C 76 -9.09 -13.19 6.64
CA PRO C 76 -10.34 -12.44 6.85
C PRO C 76 -11.42 -13.31 7.47
N LYS C 77 -12.27 -12.66 8.26
CA LYS C 77 -13.43 -13.31 8.87
C LYS C 77 -13.04 -14.49 9.75
N THR C 78 -11.91 -14.37 10.44
CA THR C 78 -11.54 -15.31 11.48
C THR C 78 -11.22 -14.53 12.76
N TYR C 79 -11.39 -15.21 13.88
CA TYR C 79 -11.19 -14.63 15.18
C TYR C 79 -10.81 -15.75 16.12
N CYS C 80 -9.70 -15.58 16.82
CA CYS C 80 -9.19 -16.63 17.71
C CYS C 80 -9.90 -16.50 19.04
N GLY C 81 -11.02 -17.22 19.19
CA GLY C 81 -11.90 -17.07 20.32
C GLY C 81 -12.18 -18.34 21.11
N ASP C 82 -13.40 -18.49 21.63
CA ASP C 82 -13.71 -19.60 22.53
C ASP C 82 -13.51 -20.95 21.88
N LEU C 83 -14.11 -21.18 20.71
CA LEU C 83 -13.94 -22.47 20.05
C LEU C 83 -12.49 -22.73 19.68
N SER C 84 -11.78 -21.70 19.19
CA SER C 84 -10.38 -21.87 18.84
C SER C 84 -9.55 -22.26 20.05
N GLY C 85 -9.81 -21.61 21.19
CA GLY C 85 -9.04 -21.93 22.39
C GLY C 85 -9.32 -23.34 22.89
N GLU C 86 -10.59 -23.75 22.90
CA GLU C 86 -10.94 -25.06 23.41
C GLU C 86 -10.32 -26.17 22.56
N TYR C 87 -10.38 -26.03 21.24
CA TYR C 87 -9.79 -27.05 20.38
C TYR C 87 -8.28 -27.11 20.55
N SER C 88 -7.62 -25.96 20.59
CA SER C 88 -6.19 -25.94 20.85
C SER C 88 -5.87 -26.58 22.19
N GLY C 89 -6.67 -26.28 23.21
CA GLY C 89 -6.48 -26.93 24.49
C GLY C 89 -6.69 -28.44 24.42
N GLN C 90 -7.76 -28.87 23.73
CA GLN C 90 -8.00 -30.30 23.56
C GLN C 90 -6.85 -30.97 22.82
N GLN C 91 -6.39 -30.35 21.73
CA GLN C 91 -5.36 -30.95 20.90
C GLN C 91 -4.01 -30.98 21.57
N SER C 92 -3.80 -30.15 22.60
CA SER C 92 -2.56 -30.11 23.34
C SER C 92 -2.71 -30.69 24.74
N ASN C 93 -3.86 -31.31 25.03
CA ASN C 93 -4.15 -31.86 26.36
C ASN C 93 -3.96 -30.80 27.45
N ARG C 94 -4.58 -29.64 27.22
CA ARG C 94 -4.50 -28.51 28.13
C ARG C 94 -5.88 -27.97 28.44
N GLU C 95 -6.07 -27.53 29.68
CA GLU C 95 -7.32 -26.93 30.10
C GLU C 95 -7.20 -25.42 30.08
N ASN C 96 -8.34 -24.74 30.02
CA ASN C 96 -8.42 -23.28 30.15
C ASN C 96 -7.61 -22.55 29.09
N ILE C 97 -7.43 -23.14 27.90
CA ILE C 97 -6.76 -22.44 26.82
C ILE C 97 -7.77 -21.53 26.14
N LYS C 98 -7.48 -20.24 26.09
CA LYS C 98 -8.34 -19.26 25.45
C LYS C 98 -7.72 -18.82 24.13
N GLY C 99 -8.55 -18.20 23.30
CA GLY C 99 -8.05 -17.58 22.08
C GLY C 99 -7.35 -16.26 22.37
N ASP C 100 -6.46 -15.87 21.46
CA ASP C 100 -5.70 -14.64 21.72
C ASP C 100 -6.46 -13.39 21.32
N GLY C 101 -7.65 -13.50 20.73
CA GLY C 101 -8.49 -12.35 20.47
C GLY C 101 -8.25 -11.66 19.15
N ASP C 102 -7.26 -12.10 18.37
CA ASP C 102 -6.90 -11.54 17.08
C ASP C 102 -7.37 -12.44 15.96
N PRO C 103 -7.29 -11.97 14.70
CA PRO C 103 -7.53 -12.89 13.58
C PRO C 103 -6.50 -14.00 13.53
N LEU C 104 -6.86 -15.08 12.83
CA LEU C 104 -5.99 -16.24 12.74
C LEU C 104 -4.78 -15.92 11.88
N ASP C 105 -3.58 -16.21 12.41
CA ASP C 105 -2.35 -15.92 11.68
C ASP C 105 -2.09 -16.95 10.58
N ILE C 106 -1.56 -16.49 9.45
CA ILE C 106 -1.25 -17.41 8.37
C ILE C 106 0.11 -17.04 7.79
N CYS C 107 0.93 -18.06 7.53
CA CYS C 107 2.22 -17.93 6.86
C CYS C 107 2.08 -18.49 5.45
N VAL C 108 2.33 -17.66 4.45
CA VAL C 108 2.17 -18.05 3.05
C VAL C 108 3.54 -18.23 2.42
N LEU C 109 3.78 -19.41 1.87
CA LEU C 109 5.03 -19.74 1.22
C LEU C 109 4.95 -19.40 -0.26
N THR C 110 5.94 -18.67 -0.76
CA THR C 110 6.03 -18.37 -2.18
C THR C 110 7.49 -18.22 -2.56
N GLU C 111 7.82 -18.65 -3.78
CA GLU C 111 9.14 -18.38 -4.34
C GLU C 111 9.25 -16.94 -4.82
N LYS C 112 8.12 -16.28 -5.07
CA LYS C 112 8.21 -14.94 -5.62
C LYS C 112 8.56 -13.93 -4.53
N ASN C 113 9.10 -12.80 -4.97
CA ASN C 113 9.44 -11.68 -4.09
C ASN C 113 8.25 -10.73 -4.03
N ILE C 114 7.67 -10.60 -2.84
CA ILE C 114 6.67 -9.57 -2.56
C ILE C 114 7.29 -8.64 -1.53
N THR C 115 7.41 -7.37 -1.89
CA THR C 115 8.08 -6.42 -1.00
C THR C 115 7.11 -5.64 -0.13
N GLN C 116 5.89 -5.41 -0.60
CA GLN C 116 4.89 -4.66 0.15
C GLN C 116 3.78 -5.57 0.65
N GLY C 117 3.34 -5.33 1.89
CA GLY C 117 2.12 -5.92 2.41
C GLY C 117 0.90 -5.12 1.97
N ASN C 118 -0.15 -5.18 2.78
CA ASN C 118 -1.44 -4.53 2.45
C ASN C 118 -1.99 -5.03 1.12
N ILE C 119 -2.01 -6.36 0.95
CA ILE C 119 -2.53 -6.97 -0.27
C ILE C 119 -3.33 -8.21 0.10
N LEU C 120 -4.20 -8.62 -0.81
CA LEU C 120 -4.87 -9.91 -0.75
C LEU C 120 -4.17 -10.88 -1.69
N LEU C 121 -4.31 -12.17 -1.39
CA LEU C 121 -3.83 -13.23 -2.28
C LEU C 121 -4.57 -14.52 -1.95
N GLN C 122 -4.54 -15.45 -2.89
CA GLN C 122 -5.12 -16.77 -2.71
C GLN C 122 -4.03 -17.76 -2.32
N ALA C 123 -4.27 -18.51 -1.24
CA ALA C 123 -3.33 -19.48 -0.73
C ALA C 123 -4.08 -20.73 -0.28
N ARG C 124 -3.38 -21.86 -0.35
CA ARG C 124 -3.98 -23.12 -0.01
C ARG C 124 -3.33 -23.68 1.24
N PRO C 125 -4.10 -23.96 2.28
CA PRO C 125 -3.51 -24.43 3.54
C PRO C 125 -2.97 -25.85 3.42
N ILE C 126 -1.85 -26.10 4.08
CA ILE C 126 -1.21 -27.42 4.02
C ILE C 126 -0.91 -27.92 5.42
N GLY C 127 -1.08 -27.05 6.42
CA GLY C 127 -0.78 -27.42 7.78
C GLY C 127 -0.70 -26.18 8.66
N GLY C 128 -0.01 -26.34 9.79
CA GLY C 128 0.11 -25.24 10.71
C GLY C 128 0.99 -25.60 11.89
N ILE C 129 1.32 -24.58 12.66
CA ILE C 129 2.10 -24.73 13.89
C ILE C 129 1.18 -24.40 15.06
N ARG C 130 0.98 -25.36 15.94
CA ARG C 130 0.22 -25.11 17.15
C ARG C 130 1.15 -24.46 18.17
N ILE C 131 0.85 -23.23 18.54
CA ILE C 131 1.64 -22.49 19.52
C ILE C 131 0.73 -22.11 20.67
N LEU C 132 1.23 -22.30 21.88
CA LEU C 132 0.57 -21.82 23.10
C LEU C 132 1.48 -20.75 23.70
N ASP C 133 0.93 -19.56 23.93
CA ASP C 133 1.66 -18.44 24.50
C ASP C 133 0.94 -18.02 25.78
N SER C 134 1.37 -18.58 26.91
CA SER C 134 0.82 -18.27 28.23
C SER C 134 -0.71 -18.45 28.26
N GLU C 135 -1.13 -19.69 28.00
CA GLU C 135 -2.52 -20.15 28.06
C GLU C 135 -3.37 -19.58 26.93
N GLU C 136 -2.76 -18.96 25.91
CA GLU C 136 -3.47 -18.48 24.74
C GLU C 136 -2.99 -19.21 23.49
N ALA C 137 -3.94 -19.64 22.66
CA ALA C 137 -3.61 -20.28 21.40
C ALA C 137 -3.11 -19.23 20.42
N ASP C 138 -1.91 -19.45 19.88
CA ASP C 138 -1.35 -18.57 18.87
C ASP C 138 -0.96 -19.36 17.63
N ASP C 139 -1.94 -20.03 17.02
CA ASP C 139 -1.68 -20.86 15.86
C ASP C 139 -1.18 -20.04 14.69
N LYS C 140 -0.30 -20.65 13.90
CA LYS C 140 0.13 -20.09 12.63
C LYS C 140 -0.25 -21.10 11.57
N ILE C 141 -1.22 -20.75 10.73
CA ILE C 141 -1.52 -21.58 9.57
C ILE C 141 -0.37 -21.45 8.56
N ILE C 142 -0.01 -22.57 7.94
CA ILE C 142 0.99 -22.61 6.87
C ILE C 142 0.26 -22.89 5.57
N ALA C 143 0.47 -22.04 4.57
CA ALA C 143 -0.18 -22.18 3.28
C ALA C 143 0.80 -21.89 2.17
N VAL C 144 0.47 -22.34 0.96
CA VAL C 144 1.28 -22.08 -0.22
C VAL C 144 0.49 -21.20 -1.17
N LEU C 145 1.17 -20.22 -1.76
CA LEU C 145 0.53 -19.31 -2.70
C LEU C 145 -0.02 -20.10 -3.88
N GLU C 146 -1.28 -19.84 -4.22
CA GLU C 146 -1.92 -20.56 -5.31
C GLU C 146 -1.15 -20.34 -6.60
N ASP C 147 -0.90 -21.43 -7.32
CA ASP C 147 -0.16 -21.42 -8.59
C ASP C 147 1.28 -20.95 -8.42
N ASP C 148 1.84 -21.02 -7.20
CA ASP C 148 3.25 -20.68 -7.03
C ASP C 148 4.13 -21.72 -7.73
N LEU C 149 5.21 -21.24 -8.36
CA LEU C 149 5.99 -22.09 -9.24
C LEU C 149 6.76 -23.17 -8.49
N VAL C 150 7.00 -22.98 -7.21
CA VAL C 150 7.81 -23.88 -6.40
C VAL C 150 6.97 -24.62 -5.37
N TYR C 151 6.19 -23.89 -4.58
CA TYR C 151 5.40 -24.47 -3.51
C TYR C 151 3.96 -24.79 -3.92
N GLY C 152 3.57 -24.48 -5.16
CA GLY C 152 2.16 -24.53 -5.53
C GLY C 152 1.51 -25.88 -5.42
N ASN C 153 2.26 -26.95 -5.70
CA ASN C 153 1.70 -28.29 -5.73
C ASN C 153 1.84 -29.02 -4.39
N ILE C 154 2.35 -28.36 -3.35
CA ILE C 154 2.40 -28.97 -2.03
C ILE C 154 1.00 -29.00 -1.44
N GLU C 155 0.59 -30.18 -0.97
CA GLU C 155 -0.76 -30.38 -0.49
C GLU C 155 -0.84 -30.63 1.01
N ASP C 156 0.24 -31.07 1.62
CA ASP C 156 0.30 -31.29 3.05
C ASP C 156 1.66 -30.84 3.57
N ILE C 157 1.68 -30.50 4.86
CA ILE C 157 2.89 -29.98 5.47
C ILE C 157 4.01 -31.02 5.47
N SER C 158 3.69 -32.31 5.41
CA SER C 158 4.72 -33.33 5.34
C SER C 158 5.50 -33.27 4.03
N GLU C 159 4.93 -32.67 2.98
CA GLU C 159 5.62 -32.48 1.71
C GLU C 159 6.36 -31.15 1.63
N CYS C 160 6.33 -30.35 2.67
CA CYS C 160 7.01 -29.06 2.73
C CYS C 160 8.46 -29.25 3.17
N PRO C 161 9.42 -28.55 2.55
CA PRO C 161 10.82 -28.71 2.95
C PRO C 161 11.02 -28.36 4.42
N GLY C 162 11.64 -29.28 5.16
CA GLY C 162 11.81 -29.06 6.59
C GLY C 162 12.64 -27.83 6.90
N THR C 163 13.54 -27.45 5.99
CA THR C 163 14.36 -26.25 6.20
C THR C 163 13.51 -24.99 6.25
N VAL C 164 12.44 -24.93 5.46
CA VAL C 164 11.56 -23.78 5.50
C VAL C 164 10.77 -23.74 6.82
N LEU C 165 10.32 -24.92 7.30
CA LEU C 165 9.59 -24.95 8.56
C LEU C 165 10.50 -24.57 9.73
N ASP C 166 11.75 -25.02 9.71
CA ASP C 166 12.71 -24.64 10.74
C ASP C 166 12.96 -23.13 10.73
N MET C 167 13.05 -22.55 9.53
CA MET C 167 13.21 -21.11 9.41
C MET C 167 12.06 -20.38 10.07
N ILE C 168 10.83 -20.85 9.85
CA ILE C 168 9.66 -20.19 10.41
C ILE C 168 9.61 -20.37 11.91
N GLN C 169 9.91 -21.59 12.40
CA GLN C 169 9.94 -21.82 13.84
C GLN C 169 11.03 -21.00 14.50
N HIS C 170 12.19 -20.90 13.85
CA HIS C 170 13.28 -20.10 14.39
C HIS C 170 12.87 -18.65 14.55
N TYR C 171 12.08 -18.12 13.61
CA TYR C 171 11.64 -16.74 13.71
C TYR C 171 10.88 -16.51 15.02
N PHE C 172 9.85 -17.32 15.28
CA PHE C 172 9.04 -17.08 16.47
C PHE C 172 9.79 -17.40 17.74
N LEU C 173 10.77 -18.30 17.67
CA LEU C 173 11.56 -18.63 18.85
C LEU C 173 12.60 -17.58 19.19
N THR C 174 13.01 -16.72 18.24
CA THR C 174 14.09 -15.77 18.52
C THR C 174 13.70 -14.31 18.35
N TYR C 175 12.61 -13.98 17.66
CA TYR C 175 12.39 -12.57 17.32
C TYR C 175 12.09 -11.71 18.55
N LYS C 176 11.83 -12.31 19.71
CA LYS C 176 11.64 -11.58 20.95
C LYS C 176 12.60 -12.03 22.05
N ALA C 177 13.62 -12.81 21.71
CA ALA C 177 14.53 -13.38 22.70
C ALA C 177 15.68 -12.42 22.96
N THR C 178 15.81 -11.97 24.20
CA THR C 178 16.89 -11.06 24.56
C THR C 178 18.22 -11.80 24.57
N PRO C 179 19.33 -11.09 24.33
CA PRO C 179 20.65 -11.75 24.44
C PRO C 179 20.88 -12.39 25.79
N GLU C 180 20.54 -11.69 26.88
CA GLU C 180 20.70 -12.26 28.21
C GLU C 180 19.93 -13.57 28.35
N SER C 181 18.70 -13.61 27.83
CA SER C 181 17.91 -14.84 27.92
C SER C 181 18.53 -15.97 27.11
N LEU C 182 19.18 -15.66 25.99
CA LEU C 182 19.79 -16.71 25.17
C LEU C 182 21.09 -17.21 25.79
N ILE C 183 21.89 -16.31 26.32
CA ILE C 183 23.15 -16.71 26.96
C ILE C 183 22.86 -17.54 28.21
N GLN C 184 21.81 -17.18 28.95
CA GLN C 184 21.45 -17.88 30.18
C GLN C 184 20.60 -19.12 29.92
N ALA C 185 20.33 -19.46 28.67
CA ALA C 185 19.57 -20.66 28.30
C ALA C 185 18.23 -20.72 29.05
N LYS C 186 17.61 -19.57 29.22
CA LYS C 186 16.29 -19.53 29.83
C LYS C 186 15.27 -20.21 28.91
N PRO C 187 14.31 -20.95 29.47
CA PRO C 187 13.34 -21.65 28.62
C PRO C 187 12.52 -20.68 27.78
N ALA C 188 12.07 -21.17 26.62
CA ALA C 188 11.34 -20.33 25.68
C ALA C 188 10.03 -19.85 26.31
N LYS C 189 9.65 -18.61 25.96
CA LYS C 189 8.42 -18.03 26.49
C LYS C 189 7.20 -18.47 25.71
N ILE C 190 7.37 -19.02 24.51
CA ILE C 190 6.28 -19.59 23.73
C ILE C 190 6.51 -21.09 23.62
N GLU C 191 5.40 -21.82 23.57
CA GLU C 191 5.45 -23.28 23.47
C GLU C 191 5.00 -23.68 22.08
N ILE C 192 5.92 -24.28 21.33
CA ILE C 192 5.59 -24.90 20.05
C ILE C 192 5.14 -26.32 20.37
N VAL C 193 3.83 -26.57 20.31
CA VAL C 193 3.34 -27.90 20.63
C VAL C 193 3.55 -28.87 19.48
N GLY C 194 3.82 -28.38 18.28
CA GLY C 194 4.08 -29.22 17.13
C GLY C 194 3.35 -28.74 15.90
N LEU C 195 3.49 -29.52 14.83
CA LEU C 195 2.90 -29.21 13.54
C LEU C 195 1.69 -30.11 13.30
N TYR C 196 0.80 -29.64 12.43
CA TYR C 196 -0.33 -30.45 12.01
C TYR C 196 -0.53 -30.27 10.51
N GLY C 197 -1.37 -31.12 9.93
CA GLY C 197 -1.54 -31.19 8.49
C GLY C 197 -2.72 -30.40 7.98
N LYS C 198 -3.06 -30.66 6.72
CA LYS C 198 -4.04 -29.87 5.99
C LYS C 198 -5.42 -29.95 6.66
N LYS C 199 -5.93 -31.17 6.87
CA LYS C 199 -7.27 -31.35 7.42
C LYS C 199 -7.41 -30.67 8.77
N GLU C 200 -6.45 -30.89 9.67
CA GLU C 200 -6.49 -30.22 10.96
C GLU C 200 -6.41 -28.72 10.81
N ALA C 201 -5.54 -28.23 9.91
CA ALA C 201 -5.46 -26.80 9.69
C ALA C 201 -6.82 -26.25 9.25
N GLN C 202 -7.47 -26.95 8.32
CA GLN C 202 -8.79 -26.54 7.86
C GLN C 202 -9.79 -26.49 9.02
N LYS C 203 -9.64 -27.41 9.98
CA LYS C 203 -10.46 -27.40 11.18
C LYS C 203 -10.15 -26.20 12.05
N VAL C 204 -8.87 -25.90 12.24
CA VAL C 204 -8.48 -24.72 13.02
C VAL C 204 -9.03 -23.45 12.37
N ILE C 205 -8.98 -23.38 11.04
CA ILE C 205 -9.55 -22.24 10.32
C ILE C 205 -11.07 -22.23 10.45
N ARG C 206 -11.71 -23.39 10.28
CA ARG C 206 -13.16 -23.47 10.40
C ARG C 206 -13.64 -22.94 11.74
N LEU C 207 -13.00 -23.38 12.82
CA LEU C 207 -13.38 -22.94 14.16
C LEU C 207 -13.20 -21.44 14.34
N ALA C 208 -12.06 -20.90 13.90
CA ALA C 208 -11.83 -19.47 14.03
C ALA C 208 -12.82 -18.66 13.21
N HIS C 209 -13.30 -19.22 12.09
CA HIS C 209 -14.35 -18.56 11.32
C HIS C 209 -15.67 -18.56 12.07
N GLU C 210 -16.01 -19.67 12.75
CA GLU C 210 -17.25 -19.71 13.52
C GLU C 210 -17.16 -18.75 14.70
N ASP C 211 -16.01 -18.68 15.36
CA ASP C 211 -15.80 -17.65 16.37
C ASP C 211 -16.06 -16.26 15.81
N TYR C 212 -15.51 -15.98 14.63
CA TYR C 212 -15.72 -14.67 14.02
C TYR C 212 -17.18 -14.45 13.68
N CYS C 213 -17.82 -15.46 13.07
CA CYS C 213 -19.21 -15.31 12.64
C CYS C 213 -20.10 -15.02 13.82
N ASN C 214 -19.88 -15.70 14.95
CA ASN C 214 -20.74 -15.50 16.10
C ASN C 214 -20.59 -14.11 16.71
N LEU C 215 -19.39 -13.56 16.67
CA LEU C 215 -19.13 -12.26 17.28
C LEU C 215 -19.37 -11.06 16.36
N PHE C 216 -19.21 -11.22 15.04
CA PHE C 216 -19.40 -10.11 14.12
C PHE C 216 -20.49 -10.35 13.10
N MET C 217 -21.24 -11.43 13.21
CA MET C 217 -22.33 -11.71 12.29
C MET C 217 -23.47 -12.48 12.96
NA NA D . -7.94 -5.92 -20.05
NA NA E . 1.60 21.95 5.80
NA NA F . -2.09 -14.67 16.73
#